data_8KH9
#
_entry.id   8KH9
#
_cell.length_a   42.398
_cell.length_b   61.605
_cell.length_c   60.605
_cell.angle_alpha   90.00
_cell.angle_beta   97.93
_cell.angle_gamma   90.00
#
_symmetry.space_group_name_H-M   'P 1 21 1'
#
loop_
_entity.id
_entity.type
_entity.pdbx_description
1 polymer 'Fibroblast growth factor receptor 4'
2 non-polymer 1,2-ETHANEDIOL
3 non-polymer 'SULFATE ION'
4 non-polymer 1-[4-[(1~{R})-1-[3,5-bis(chloranyl)pyridin-4-yl]ethoxy]-5-cyano-pyridin-2-yl]-3-[6-methanoyl-5-[(4-methyl-2-oxidanylidene-piperazin-1-yl)methyl]-3-(2-morpholin-4-ylethoxy)pyridin-2-yl]urea
5 water water
#
_entity_poly.entity_id   1
_entity_poly.type   'polypeptide(L)'
_entity_poly.pdbx_seq_one_letter_code
;LPLDPLWEFPRDRLVLGKPLGEGAFGQVVRAEAFGMDPARPDQASTVAVKMLKDNASDKDLADLVSEMEVMKLIGRHKNI
INLLGVCTQEGPLYVIMECAAKGNLREFLRARRPPGPDLSPDGPRSSEGPLSFPVLVSCAYQVARGMQYLESRKCIHRDL
AARNVLVTEDNVMKIADFGLARGVHHIDYYKKTSNGRLPVKWMAPEALFDEVYTHQSDVWSFGILLWEIFTLGGSPYPGI
PVEELFSLLREGHRMDRPPHCPPELYGLMRECWHAAPSQRPTFKQLVEALDKVLLAVSEE
;
_entity_poly.pdbx_strand_id   A
#
loop_
_chem_comp.id
_chem_comp.type
_chem_comp.name
_chem_comp.formula
EDO non-polymer 1,2-ETHANEDIOL 'C2 H6 O2'
SO4 non-polymer 'SULFATE ION' 'O4 S -2'
VVW non-polymer 1-[4-[(1~{R})-1-[3,5-bis(chloranyl)pyridin-4-yl]ethoxy]-5-cyano-pyridin-2-yl]-3-[6-methanoyl-5-[(4-methyl-2-oxidanylidene-piperazin-1-yl)methyl]-3-(2-morpholin-4-ylethoxy)pyridin-2-yl]urea 'C32 H35 Cl2 N9 O6'
#
# COMPACT_ATOMS: atom_id res chain seq x y z
N LEU A 1 3.21 -24.01 17.16
CA LEU A 1 4.32 -23.46 16.41
C LEU A 1 5.55 -23.47 17.29
N PRO A 2 6.72 -23.68 16.68
CA PRO A 2 7.96 -23.71 17.45
C PRO A 2 8.42 -22.30 17.76
N LEU A 3 9.26 -22.20 18.79
CA LEU A 3 9.80 -20.92 19.23
C LEU A 3 10.93 -20.51 18.30
N ASP A 4 10.82 -19.32 17.71
CA ASP A 4 11.92 -18.70 16.97
C ASP A 4 12.47 -17.57 17.82
N PRO A 5 13.57 -17.78 18.54
CA PRO A 5 14.06 -16.73 19.44
C PRO A 5 14.46 -15.44 18.75
N LEU A 6 14.74 -15.45 17.44
CA LEU A 6 15.10 -14.21 16.76
C LEU A 6 13.95 -13.22 16.80
N TRP A 7 12.72 -13.71 16.74
CA TRP A 7 11.55 -12.86 16.54
C TRP A 7 10.56 -12.85 17.70
N GLU A 8 10.59 -13.86 18.57
CA GLU A 8 9.56 -13.98 19.59
C GLU A 8 9.63 -12.82 20.57
N PHE A 9 8.46 -12.27 20.89
CA PHE A 9 8.32 -11.15 21.81
C PHE A 9 7.32 -11.55 22.89
N PRO A 10 7.60 -11.27 24.16
CA PRO A 10 6.66 -11.68 25.22
C PRO A 10 5.30 -10.99 25.07
N ARG A 11 4.23 -11.79 25.01
CA ARG A 11 2.91 -11.18 24.79
C ARG A 11 2.46 -10.31 25.96
N ASP A 12 3.00 -10.54 27.16
CA ASP A 12 2.64 -9.69 28.31
C ASP A 12 3.27 -8.31 28.25
N ARG A 13 4.13 -8.04 27.26
CA ARG A 13 4.67 -6.71 27.01
C ARG A 13 3.83 -5.94 26.00
N LEU A 14 2.69 -6.48 25.59
CA LEU A 14 1.74 -5.79 24.71
C LEU A 14 0.51 -5.39 25.49
N VAL A 15 0.04 -4.19 25.26
CA VAL A 15 -1.27 -3.76 25.74
C VAL A 15 -2.10 -3.43 24.50
N LEU A 16 -3.12 -4.24 24.23
CA LEU A 16 -3.91 -4.06 23.01
C LEU A 16 -4.82 -2.84 23.13
N GLY A 17 -4.90 -2.08 22.04
CA GLY A 17 -5.74 -0.90 21.96
C GLY A 17 -6.85 -0.99 20.92
N LYS A 18 -7.22 0.16 20.36
CA LYS A 18 -8.37 0.22 19.46
C LYS A 18 -8.09 -0.48 18.14
N PRO A 19 -9.05 -1.20 17.59
CA PRO A 19 -8.87 -1.84 16.29
C PRO A 19 -8.57 -0.82 15.21
N LEU A 20 -7.79 -1.26 14.23
CA LEU A 20 -7.48 -0.48 13.04
C LEU A 20 -8.31 -0.90 11.83
N GLY A 21 -8.45 -2.20 11.59
CA GLY A 21 -9.13 -2.66 10.39
C GLY A 21 -9.03 -4.15 10.30
N GLU A 22 -9.71 -4.69 9.29
CA GLU A 22 -9.62 -6.12 9.10
C GLU A 22 -9.55 -6.44 7.62
N GLY A 23 -8.92 -7.57 7.32
CA GLY A 23 -8.74 -8.01 5.95
C GLY A 23 -9.42 -9.34 5.73
N ALA A 24 -8.97 -10.08 4.71
CA ALA A 24 -9.64 -11.33 4.35
C ALA A 24 -9.44 -12.41 5.41
N PHE A 25 -8.28 -12.44 6.06
CA PHE A 25 -8.00 -13.53 7.00
C PHE A 25 -7.55 -13.09 8.38
N GLY A 26 -7.45 -11.79 8.64
CA GLY A 26 -7.02 -11.35 9.95
C GLY A 26 -7.58 -9.98 10.29
N GLN A 27 -7.28 -9.55 11.51
CA GLN A 27 -7.67 -8.23 11.98
C GLN A 27 -6.46 -7.58 12.61
N VAL A 28 -6.42 -6.26 12.54
CA VAL A 28 -5.26 -5.49 12.98
C VAL A 28 -5.73 -4.51 14.06
N VAL A 29 -5.01 -4.48 15.19
CA VAL A 29 -5.32 -3.56 16.28
C VAL A 29 -4.06 -2.80 16.63
N ARG A 30 -4.24 -1.56 17.08
CA ARG A 30 -3.13 -0.80 17.65
C ARG A 30 -2.76 -1.44 18.99
N ALA A 31 -1.49 -1.28 19.38
CA ALA A 31 -1.11 -1.73 20.72
C ALA A 31 0.09 -0.92 21.19
N GLU A 32 0.24 -0.82 22.51
CA GLU A 32 1.49 -0.36 23.11
C GLU A 32 2.37 -1.57 23.39
N ALA A 33 3.65 -1.45 23.05
CA ALA A 33 4.66 -2.46 23.32
C ALA A 33 5.71 -1.85 24.26
N PHE A 34 6.15 -2.62 25.25
CA PHE A 34 7.17 -2.19 26.19
C PHE A 34 8.44 -2.99 25.97
N GLY A 35 9.52 -2.30 25.62
CA GLY A 35 10.78 -2.98 25.47
C GLY A 35 10.98 -3.65 24.13
N MET A 36 10.32 -3.15 23.08
CA MET A 36 10.63 -3.67 21.74
C MET A 36 12.13 -3.57 21.44
N ASP A 37 12.76 -2.50 21.88
CA ASP A 37 14.22 -2.40 21.89
C ASP A 37 14.70 -3.05 23.19
N PRO A 38 15.38 -4.19 23.13
CA PRO A 38 15.80 -4.86 24.39
C PRO A 38 16.75 -4.05 25.23
N ALA A 39 17.43 -3.05 24.66
CA ALA A 39 18.29 -2.20 25.47
C ALA A 39 17.52 -1.16 26.26
N ARG A 40 16.23 -0.98 25.96
CA ARG A 40 15.37 -0.04 26.66
C ARG A 40 14.11 -0.82 27.07
N PRO A 41 14.25 -1.75 28.03
CA PRO A 41 13.16 -2.71 28.27
C PRO A 41 11.87 -2.11 28.81
N ASP A 42 11.89 -0.92 29.42
CA ASP A 42 10.66 -0.30 29.88
C ASP A 42 10.11 0.76 28.94
N GLN A 43 10.74 0.98 27.80
CA GLN A 43 10.30 2.04 26.89
C GLN A 43 9.05 1.62 26.12
N ALA A 44 8.10 2.54 26.01
CA ALA A 44 6.85 2.30 25.27
C ALA A 44 6.99 2.71 23.82
N SER A 45 6.34 1.94 22.93
CA SER A 45 6.20 2.28 21.53
C SER A 45 4.81 1.85 21.09
N THR A 46 4.32 2.41 19.98
CA THR A 46 3.01 2.05 19.42
C THR A 46 3.24 1.19 18.20
N VAL A 47 2.58 0.05 18.16
CA VAL A 47 2.77 -0.94 17.12
C VAL A 47 1.39 -1.37 16.60
N ALA A 48 1.40 -2.09 15.50
CA ALA A 48 0.18 -2.67 14.92
C ALA A 48 0.28 -4.17 15.06
N VAL A 49 -0.77 -4.81 15.59
CA VAL A 49 -0.76 -6.25 15.87
C VAL A 49 -1.81 -6.91 14.99
N LYS A 50 -1.39 -7.85 14.15
CA LYS A 50 -2.31 -8.65 13.35
C LYS A 50 -2.56 -10.01 14.02
N MET A 51 -3.82 -10.45 14.02
CA MET A 51 -4.17 -11.70 14.66
C MET A 51 -5.36 -12.28 13.89
N LEU A 52 -5.75 -13.49 14.23
CA LEU A 52 -6.89 -14.10 13.58
C LEU A 52 -8.20 -13.49 14.11
N LYS A 53 -9.22 -13.47 13.25
CA LYS A 53 -10.58 -13.17 13.67
C LYS A 53 -11.13 -14.31 14.53
N ASP A 54 -12.30 -14.06 15.12
CA ASP A 54 -12.89 -15.04 16.04
C ASP A 54 -13.44 -16.27 15.31
N ASN A 55 -13.89 -16.10 14.07
CA ASN A 55 -14.45 -17.20 13.29
C ASN A 55 -13.39 -17.90 12.45
N ALA A 56 -12.14 -17.91 12.89
CA ALA A 56 -11.04 -18.26 11.98
C ALA A 56 -11.01 -19.74 11.64
N SER A 57 -10.78 -20.03 10.36
CA SER A 57 -10.63 -21.38 9.87
C SER A 57 -9.15 -21.78 9.89
N ASP A 58 -8.89 -23.05 9.63
CA ASP A 58 -7.52 -23.51 9.50
C ASP A 58 -6.80 -22.84 8.34
N LYS A 59 -7.53 -22.55 7.25
CA LYS A 59 -6.93 -21.82 6.14
C LYS A 59 -6.53 -20.40 6.56
N ASP A 60 -7.37 -19.72 7.34
CA ASP A 60 -7.01 -18.40 7.85
C ASP A 60 -5.72 -18.47 8.65
N LEU A 61 -5.57 -19.49 9.49
CA LEU A 61 -4.35 -19.63 10.28
C LEU A 61 -3.14 -19.86 9.38
N ALA A 62 -3.26 -20.74 8.40
CA ALA A 62 -2.13 -20.97 7.50
C ALA A 62 -1.77 -19.69 6.73
N ASP A 63 -2.78 -18.91 6.34
CA ASP A 63 -2.51 -17.64 5.67
C ASP A 63 -1.75 -16.67 6.57
N LEU A 64 -2.12 -16.60 7.86
CA LEU A 64 -1.41 -15.71 8.78
C LEU A 64 0.02 -16.20 9.04
N VAL A 65 0.20 -17.51 9.22
CA VAL A 65 1.55 -18.07 9.37
C VAL A 65 2.39 -17.78 8.13
N SER A 66 1.80 -17.93 6.93
CA SER A 66 2.55 -17.63 5.71
C SER A 66 2.96 -16.18 5.66
N GLU A 67 2.07 -15.27 6.03
CA GLU A 67 2.42 -13.85 6.05
C GLU A 67 3.56 -13.58 7.02
N MET A 68 3.50 -14.19 8.21
CA MET A 68 4.58 -14.04 9.18
C MET A 68 5.90 -14.49 8.60
N GLU A 69 5.91 -15.64 7.91
CA GLU A 69 7.17 -16.14 7.37
C GLU A 69 7.70 -15.25 6.26
N VAL A 70 6.82 -14.70 5.41
CA VAL A 70 7.25 -13.74 4.39
C VAL A 70 7.88 -12.52 5.06
N MET A 71 7.23 -12.02 6.12
CA MET A 71 7.72 -10.82 6.79
C MET A 71 9.04 -11.07 7.50
N LYS A 72 9.29 -12.30 7.95
CA LYS A 72 10.61 -12.60 8.53
C LYS A 72 11.71 -12.52 7.48
N LEU A 73 11.43 -12.97 6.26
CA LEU A 73 12.43 -13.10 5.22
C LEU A 73 12.65 -11.81 4.45
N ILE A 74 11.70 -10.87 4.50
CA ILE A 74 11.79 -9.70 3.64
C ILE A 74 12.93 -8.76 4.02
N GLY A 75 13.31 -8.70 5.29
CA GLY A 75 14.30 -7.73 5.72
C GLY A 75 13.69 -6.34 5.86
N ARG A 76 14.53 -5.42 6.30
CA ARG A 76 14.10 -4.07 6.69
C ARG A 76 14.29 -3.10 5.53
N HIS A 77 13.28 -2.27 5.27
CA HIS A 77 13.46 -1.12 4.39
C HIS A 77 12.59 0.01 4.87
N LYS A 78 13.06 1.24 4.66
CA LYS A 78 12.34 2.42 5.13
C LYS A 78 10.93 2.52 4.53
N ASN A 79 10.73 2.00 3.31
CA ASN A 79 9.51 2.26 2.59
C ASN A 79 8.59 1.05 2.53
N ILE A 80 8.73 0.12 3.49
CA ILE A 80 7.78 -0.96 3.71
C ILE A 80 7.39 -0.99 5.18
N ILE A 81 6.22 -1.58 5.47
CA ILE A 81 5.88 -1.91 6.86
C ILE A 81 6.78 -3.05 7.31
N ASN A 82 7.54 -2.84 8.38
CA ASN A 82 8.52 -3.84 8.82
C ASN A 82 8.00 -4.66 9.98
N LEU A 83 8.35 -5.95 9.98
CA LEU A 83 8.08 -6.84 11.11
C LEU A 83 8.91 -6.42 12.31
N LEU A 84 8.27 -6.37 13.48
CA LEU A 84 8.97 -6.10 14.73
C LEU A 84 9.09 -7.33 15.64
N GLY A 85 8.14 -8.25 15.58
CA GLY A 85 8.21 -9.42 16.43
C GLY A 85 6.96 -10.25 16.24
N VAL A 86 6.91 -11.38 16.96
CA VAL A 86 5.77 -12.28 16.86
C VAL A 86 5.51 -12.85 18.24
N CYS A 87 4.27 -13.27 18.47
CA CYS A 87 3.93 -14.01 19.68
C CYS A 87 3.30 -15.32 19.24
N THR A 88 4.01 -16.43 19.45
CA THR A 88 3.56 -17.74 19.01
C THR A 88 3.35 -18.70 20.16
N GLN A 89 3.89 -18.41 21.34
CA GLN A 89 3.89 -19.37 22.44
C GLN A 89 2.82 -19.01 23.46
N GLU A 90 2.08 -20.02 23.90
CA GLU A 90 1.17 -19.92 25.05
C GLU A 90 0.17 -18.78 24.90
N GLY A 91 -0.54 -18.80 23.79
CA GLY A 91 -1.56 -17.83 23.50
C GLY A 91 -1.79 -17.69 22.01
N PRO A 92 -2.68 -16.78 21.62
CA PRO A 92 -3.00 -16.60 20.20
C PRO A 92 -1.81 -16.07 19.42
N LEU A 93 -1.84 -16.35 18.12
CA LEU A 93 -0.77 -15.94 17.21
C LEU A 93 -0.88 -14.45 16.94
N TYR A 94 0.19 -13.71 17.22
CA TYR A 94 0.26 -12.28 16.93
C TYR A 94 1.46 -12.00 16.02
N VAL A 95 1.27 -11.16 15.01
CA VAL A 95 2.33 -10.69 14.13
C VAL A 95 2.40 -9.18 14.36
N ILE A 96 3.51 -8.71 14.91
CA ILE A 96 3.65 -7.34 15.41
C ILE A 96 4.44 -6.56 14.37
N MET A 97 3.86 -5.47 13.89
CA MET A 97 4.43 -4.69 12.77
C MET A 97 4.46 -3.21 13.15
N GLU A 98 5.19 -2.43 12.36
CA GLU A 98 5.19 -0.99 12.53
C GLU A 98 3.80 -0.43 12.32
N CYS A 99 3.47 0.62 13.07
CA CYS A 99 2.19 1.30 12.92
C CYS A 99 2.43 2.63 12.21
N ALA A 100 1.53 2.95 11.27
CA ALA A 100 1.66 4.15 10.45
C ALA A 100 0.55 5.12 10.83
N ALA A 101 0.94 6.19 11.54
CA ALA A 101 -0.04 6.99 12.27
C ALA A 101 -1.02 7.76 11.40
N LYS A 102 -0.68 8.08 10.13
CA LYS A 102 -1.60 8.85 9.30
C LYS A 102 -2.51 7.98 8.43
N GLY A 103 -2.49 6.65 8.62
CA GLY A 103 -3.36 5.78 7.85
C GLY A 103 -2.90 5.58 6.41
N ASN A 104 -3.84 5.18 5.55
CA ASN A 104 -3.42 4.86 4.19
C ASN A 104 -3.33 6.10 3.29
N LEU A 105 -2.60 5.94 2.17
CA LEU A 105 -2.31 7.08 1.31
C LEU A 105 -3.58 7.65 0.66
N ARG A 106 -4.53 6.79 0.30
CA ARG A 106 -5.78 7.30 -0.25
C ARG A 106 -6.47 8.22 0.75
N GLU A 107 -6.64 7.76 2.01
CA GLU A 107 -7.28 8.56 3.05
C GLU A 107 -6.48 9.83 3.31
N PHE A 108 -5.16 9.72 3.32
CA PHE A 108 -4.28 10.87 3.57
C PHE A 108 -4.49 11.96 2.52
N LEU A 109 -4.54 11.57 1.24
CA LEU A 109 -4.74 12.54 0.17
C LEU A 109 -6.15 13.14 0.19
N ARG A 110 -7.18 12.30 0.36
CA ARG A 110 -8.56 12.81 0.28
C ARG A 110 -8.84 13.82 1.39
N ALA A 111 -8.20 13.65 2.55
CA ALA A 111 -8.39 14.56 3.67
C ALA A 111 -7.63 15.85 3.49
N ARG A 112 -6.78 15.92 2.48
CA ARG A 112 -5.89 17.06 2.31
C ARG A 112 -6.13 17.75 0.97
N ARG A 113 -7.33 17.61 0.42
CA ARG A 113 -7.60 18.30 -0.83
C ARG A 113 -7.67 19.81 -0.59
N PRO A 114 -7.34 20.63 -1.58
CA PRO A 114 -7.20 22.07 -1.33
C PRO A 114 -8.57 22.69 -1.10
N PRO A 115 -8.61 23.86 -0.45
CA PRO A 115 -9.89 24.48 -0.16
C PRO A 115 -10.64 24.83 -1.44
N GLY A 116 -11.96 24.67 -1.41
CA GLY A 116 -12.80 25.00 -2.53
C GLY A 116 -13.06 26.50 -2.60
N PRO A 117 -13.50 26.97 -3.76
CA PRO A 117 -13.75 28.40 -3.91
C PRO A 117 -15.03 28.87 -3.26
N ASP A 118 -15.59 28.06 -2.36
CA ASP A 118 -16.73 28.46 -1.56
C ASP A 118 -16.35 29.01 -0.19
N LEU A 119 -15.07 28.91 0.15
CA LEU A 119 -14.59 29.35 1.45
C LEU A 119 -14.17 30.80 1.47
N SER A 120 -14.60 31.51 2.50
CA SER A 120 -14.22 32.92 2.64
C SER A 120 -12.74 33.02 2.98
N PRO A 121 -12.04 33.94 2.29
CA PRO A 121 -10.62 34.13 2.60
C PRO A 121 -10.34 34.55 4.07
N ASP A 122 -9.37 33.93 4.73
CA ASP A 122 -9.09 34.20 6.15
C ASP A 122 -7.58 34.05 6.34
N GLY A 123 -6.89 35.18 6.36
CA GLY A 123 -5.44 35.19 6.49
C GLY A 123 -4.75 35.10 5.14
N PRO A 124 -3.42 35.06 5.16
CA PRO A 124 -2.65 35.12 3.92
C PRO A 124 -2.49 33.80 3.17
N ARG A 125 -3.01 32.67 3.68
CA ARG A 125 -2.82 31.38 3.02
C ARG A 125 -4.12 30.67 2.73
N SER A 126 -5.20 31.42 2.47
CA SER A 126 -6.51 30.78 2.33
C SER A 126 -6.57 29.88 1.10
N SER A 127 -5.78 30.18 0.08
CA SER A 127 -5.76 29.40 -1.15
C SER A 127 -4.85 28.18 -1.08
N GLU A 128 -4.03 28.07 -0.04
CA GLU A 128 -2.96 27.08 0.01
C GLU A 128 -3.43 25.86 0.77
N GLY A 129 -3.67 24.76 0.08
CA GLY A 129 -3.95 23.49 0.72
C GLY A 129 -2.68 22.84 1.23
N PRO A 130 -2.86 21.74 1.97
CA PRO A 130 -1.68 21.05 2.54
C PRO A 130 -0.75 20.41 1.52
N LEU A 131 -1.23 20.07 0.32
CA LEU A 131 -0.47 19.25 -0.60
C LEU A 131 0.16 20.11 -1.68
N SER A 132 1.45 19.91 -1.90
CA SER A 132 2.20 20.60 -2.93
C SER A 132 2.73 19.57 -3.92
N PHE A 133 3.05 20.03 -5.12
CA PHE A 133 3.53 19.12 -6.15
C PHE A 133 4.77 18.35 -5.72
N PRO A 134 5.80 18.97 -5.15
CA PRO A 134 7.00 18.18 -4.82
C PRO A 134 6.71 17.11 -3.79
N VAL A 135 5.80 17.36 -2.85
CA VAL A 135 5.46 16.34 -1.87
C VAL A 135 4.68 15.19 -2.53
N LEU A 136 3.81 15.49 -3.49
CA LEU A 136 3.15 14.42 -4.25
C LEU A 136 4.15 13.57 -5.02
N VAL A 137 5.12 14.21 -5.69
CA VAL A 137 6.20 13.47 -6.35
C VAL A 137 7.00 12.65 -5.36
N SER A 138 7.27 13.20 -4.17
CA SER A 138 8.01 12.41 -3.18
C SER A 138 7.24 11.15 -2.75
N CYS A 139 5.93 11.27 -2.55
CA CYS A 139 5.12 10.09 -2.22
C CYS A 139 5.27 9.03 -3.29
N ALA A 140 5.21 9.44 -4.57
CA ALA A 140 5.34 8.47 -5.67
C ALA A 140 6.73 7.85 -5.69
N TYR A 141 7.78 8.68 -5.55
CA TYR A 141 9.15 8.18 -5.51
C TYR A 141 9.34 7.16 -4.38
N GLN A 142 8.79 7.44 -3.19
CA GLN A 142 8.99 6.54 -2.04
C GLN A 142 8.29 5.21 -2.25
N VAL A 143 7.10 5.22 -2.86
CA VAL A 143 6.44 3.96 -3.19
C VAL A 143 7.29 3.17 -4.20
N ALA A 144 7.83 3.84 -5.22
CA ALA A 144 8.66 3.15 -6.20
C ALA A 144 9.89 2.55 -5.52
N ARG A 145 10.50 3.26 -4.55
CA ARG A 145 11.69 2.74 -3.86
C ARG A 145 11.34 1.50 -3.04
N GLY A 146 10.21 1.53 -2.36
CA GLY A 146 9.77 0.36 -1.60
C GLY A 146 9.48 -0.83 -2.48
N MET A 147 8.85 -0.59 -3.62
CA MET A 147 8.58 -1.67 -4.57
C MET A 147 9.88 -2.21 -5.19
N GLN A 148 10.83 -1.33 -5.48
CA GLN A 148 12.13 -1.80 -5.95
C GLN A 148 12.78 -2.72 -4.93
N TYR A 149 12.69 -2.35 -3.65
CA TYR A 149 13.21 -3.23 -2.58
C TYR A 149 12.47 -4.56 -2.57
N LEU A 150 11.15 -4.53 -2.58
CA LEU A 150 10.40 -5.77 -2.55
C LEU A 150 10.71 -6.66 -3.75
N GLU A 151 10.82 -6.05 -4.94
CA GLU A 151 11.19 -6.81 -6.13
C GLU A 151 12.56 -7.46 -5.98
N SER A 152 13.51 -6.76 -5.35
CA SER A 152 14.86 -7.33 -5.17
C SER A 152 14.84 -8.54 -4.25
N ARG A 153 13.83 -8.65 -3.39
CA ARG A 153 13.63 -9.82 -2.54
C ARG A 153 12.63 -10.80 -3.12
N LYS A 154 12.33 -10.66 -4.42
CA LYS A 154 11.47 -11.59 -5.16
C LYS A 154 10.03 -11.57 -4.65
N CYS A 155 9.58 -10.45 -4.12
CA CYS A 155 8.22 -10.33 -3.60
C CYS A 155 7.34 -9.57 -4.61
N ILE A 156 6.23 -10.17 -5.00
CA ILE A 156 5.21 -9.54 -5.83
C ILE A 156 4.02 -9.19 -4.95
N HIS A 157 3.53 -7.95 -5.08
CA HIS A 157 2.48 -7.48 -4.20
C HIS A 157 1.12 -8.07 -4.58
N ARG A 158 0.71 -7.88 -5.83
CA ARG A 158 -0.52 -8.37 -6.46
C ARG A 158 -1.76 -7.52 -6.17
N ASP A 159 -1.71 -6.56 -5.25
CA ASP A 159 -2.79 -5.57 -5.16
C ASP A 159 -2.24 -4.22 -4.74
N LEU A 160 -1.23 -3.75 -5.44
CA LEU A 160 -0.64 -2.47 -5.10
C LEU A 160 -1.62 -1.34 -5.45
N ALA A 161 -1.88 -0.46 -4.49
CA ALA A 161 -2.95 0.54 -4.60
C ALA A 161 -2.68 1.53 -3.48
N ALA A 162 -3.18 2.74 -3.64
CA ALA A 162 -2.96 3.74 -2.58
C ALA A 162 -3.50 3.30 -1.23
N ARG A 163 -4.61 2.53 -1.19
CA ARG A 163 -5.07 2.09 0.11
C ARG A 163 -4.13 1.07 0.77
N ASN A 164 -3.19 0.48 0.02
CA ASN A 164 -2.20 -0.44 0.57
C ASN A 164 -0.85 0.22 0.76
N VAL A 165 -0.80 1.53 0.71
CA VAL A 165 0.37 2.30 1.10
C VAL A 165 -0.01 3.05 2.35
N LEU A 166 0.82 2.97 3.39
CA LEU A 166 0.55 3.63 4.65
C LEU A 166 1.49 4.82 4.85
N VAL A 167 1.06 5.77 5.66
CA VAL A 167 1.76 7.05 5.82
C VAL A 167 2.11 7.23 7.30
N THR A 168 3.39 7.41 7.59
CA THR A 168 3.81 7.62 8.98
C THR A 168 3.61 9.07 9.42
N GLU A 169 3.87 9.32 10.73
CA GLU A 169 3.83 10.68 11.25
C GLU A 169 4.78 11.63 10.52
N ASP A 170 5.84 11.12 9.89
CA ASP A 170 6.77 11.95 9.15
C ASP A 170 6.54 11.90 7.65
N ASN A 171 5.36 11.48 7.22
CA ASN A 171 5.02 11.41 5.80
C ASN A 171 5.94 10.47 5.03
N VAL A 172 6.41 9.41 5.70
CA VAL A 172 7.12 8.34 5.01
C VAL A 172 6.09 7.37 4.47
N MET A 173 6.20 7.01 3.18
CA MET A 173 5.36 5.96 2.60
C MET A 173 5.88 4.59 2.92
N LYS A 174 4.97 3.71 3.36
CA LYS A 174 5.33 2.33 3.67
C LYS A 174 4.35 1.40 2.99
N ILE A 175 4.85 0.59 2.07
CA ILE A 175 4.01 -0.42 1.42
C ILE A 175 3.58 -1.44 2.46
N ALA A 176 2.29 -1.75 2.49
CA ALA A 176 1.72 -2.72 3.42
C ALA A 176 1.14 -3.91 2.67
N ASP A 177 0.94 -4.98 3.39
CA ASP A 177 0.24 -6.16 2.87
C ASP A 177 0.80 -6.74 1.58
N PHE A 178 2.11 -6.80 1.55
CA PHE A 178 2.80 -7.38 0.44
C PHE A 178 3.02 -8.86 0.66
N GLY A 179 3.23 -9.55 -0.44
CA GLY A 179 3.41 -10.98 -0.35
C GLY A 179 2.35 -11.84 0.35
N LEU A 180 1.12 -11.36 0.46
CA LEU A 180 0.02 -12.12 1.07
C LEU A 180 -0.70 -13.07 0.19
N ALA A 181 -1.34 -14.04 0.81
CA ALA A 181 -2.23 -14.92 0.09
C ALA A 181 -3.42 -14.09 -0.26
N ARG A 182 -3.75 -14.03 -1.54
CA ARG A 182 -4.86 -13.21 -1.99
C ARG A 182 -5.90 -14.00 -2.77
N GLY A 183 -5.85 -15.33 -2.73
CA GLY A 183 -6.83 -16.15 -3.45
C GLY A 183 -6.96 -15.80 -4.92
N VAL A 184 -5.83 -15.79 -5.65
CA VAL A 184 -5.86 -15.25 -7.01
C VAL A 184 -6.60 -16.15 -7.98
N HIS A 185 -6.86 -17.41 -7.61
CA HIS A 185 -7.62 -18.27 -8.50
C HIS A 185 -9.11 -18.23 -8.22
N HIS A 186 -9.55 -17.37 -7.31
CA HIS A 186 -10.97 -17.25 -6.98
C HIS A 186 -11.31 -15.81 -6.62
N ILE A 187 -10.92 -14.88 -7.51
CA ILE A 187 -11.29 -13.47 -7.32
C ILE A 187 -12.69 -13.22 -7.88
N ASP A 188 -13.59 -12.68 -7.06
CA ASP A 188 -14.87 -12.16 -7.52
C ASP A 188 -14.58 -10.77 -8.09
N TYR A 189 -14.46 -10.70 -9.42
CA TYR A 189 -14.10 -9.43 -10.07
C TYR A 189 -15.14 -8.34 -9.86
N TYR A 190 -16.37 -8.68 -9.51
CA TYR A 190 -17.45 -7.72 -9.32
C TYR A 190 -17.53 -7.21 -7.89
N LYS A 191 -16.70 -7.75 -7.00
CA LYS A 191 -16.72 -7.40 -5.57
C LYS A 191 -16.38 -5.93 -5.34
N LYS A 192 -17.25 -5.26 -4.57
CA LYS A 192 -17.03 -3.89 -4.10
C LYS A 192 -16.86 -3.94 -2.60
N THR A 193 -15.85 -3.23 -2.09
CA THR A 193 -15.60 -3.22 -0.65
C THR A 193 -16.60 -2.32 0.08
N SER A 194 -16.53 -2.34 1.41
CA SER A 194 -17.39 -1.47 2.24
C SER A 194 -17.15 0.01 2.01
N ASN A 195 -16.01 0.40 1.43
CA ASN A 195 -15.76 1.79 1.09
C ASN A 195 -15.93 2.07 -0.38
N GLY A 196 -16.47 1.12 -1.13
CA GLY A 196 -16.77 1.35 -2.53
C GLY A 196 -15.68 1.01 -3.51
N ARG A 197 -14.60 0.37 -3.06
CA ARG A 197 -13.47 0.07 -3.96
C ARG A 197 -13.77 -1.16 -4.81
N LEU A 198 -13.38 -1.11 -6.08
CA LEU A 198 -13.42 -2.25 -7.00
C LEU A 198 -11.99 -2.68 -7.30
N PRO A 199 -11.41 -3.63 -6.54
CA PRO A 199 -9.98 -3.94 -6.71
C PRO A 199 -9.60 -4.38 -8.12
N VAL A 200 -10.56 -4.88 -8.91
CA VAL A 200 -10.26 -5.28 -10.28
C VAL A 200 -9.64 -4.14 -11.07
N LYS A 201 -9.93 -2.89 -10.70
CA LYS A 201 -9.45 -1.72 -11.43
C LYS A 201 -7.95 -1.47 -11.27
N TRP A 202 -7.25 -2.24 -10.43
CA TRP A 202 -5.80 -2.14 -10.29
C TRP A 202 -5.07 -3.29 -10.97
N MET A 203 -5.80 -4.26 -11.53
CA MET A 203 -5.16 -5.46 -12.07
C MET A 203 -4.56 -5.23 -13.46
N ALA A 204 -3.31 -5.66 -13.64
CA ALA A 204 -2.75 -5.66 -14.99
C ALA A 204 -3.56 -6.61 -15.87
N PRO A 205 -3.63 -6.34 -17.19
CA PRO A 205 -4.43 -7.23 -18.06
C PRO A 205 -3.96 -8.67 -18.03
N GLU A 206 -2.66 -8.95 -17.97
CA GLU A 206 -2.22 -10.34 -17.92
C GLU A 206 -2.66 -11.01 -16.63
N ALA A 207 -2.79 -10.25 -15.54
CA ALA A 207 -3.32 -10.81 -14.30
C ALA A 207 -4.82 -11.05 -14.42
N LEU A 208 -5.57 -10.05 -14.86
CA LEU A 208 -7.01 -10.18 -14.98
C LEU A 208 -7.40 -11.27 -15.97
N PHE A 209 -6.87 -11.20 -17.19
CA PHE A 209 -7.30 -12.11 -18.24
C PHE A 209 -6.61 -13.46 -18.15
N ASP A 210 -5.33 -13.49 -17.77
CA ASP A 210 -4.55 -14.72 -17.86
C ASP A 210 -4.07 -15.27 -16.52
N GLU A 211 -4.39 -14.61 -15.41
CA GLU A 211 -3.95 -15.02 -14.07
C GLU A 211 -2.43 -15.08 -13.94
N VAL A 212 -1.72 -14.24 -14.70
CA VAL A 212 -0.26 -14.21 -14.67
C VAL A 212 0.14 -12.97 -13.88
N TYR A 213 0.97 -13.15 -12.85
CA TYR A 213 1.53 -12.06 -12.05
C TYR A 213 3.04 -12.08 -12.12
N THR A 214 3.62 -10.91 -12.40
CA THR A 214 5.06 -10.68 -12.37
C THR A 214 5.30 -9.32 -11.72
N HIS A 215 6.57 -8.95 -11.55
CA HIS A 215 6.88 -7.60 -11.11
C HIS A 215 6.33 -6.55 -12.06
N GLN A 216 6.26 -6.87 -13.37
CA GLN A 216 5.70 -5.92 -14.31
C GLN A 216 4.18 -5.79 -14.18
N SER A 217 3.48 -6.80 -13.63
CA SER A 217 2.07 -6.59 -13.29
C SER A 217 1.93 -5.58 -12.14
N ASP A 218 2.86 -5.60 -11.18
CA ASP A 218 2.89 -4.60 -10.13
C ASP A 218 3.20 -3.21 -10.70
N VAL A 219 4.01 -3.13 -11.77
CA VAL A 219 4.26 -1.84 -12.40
C VAL A 219 2.97 -1.25 -12.98
N TRP A 220 2.14 -2.08 -13.63
CA TRP A 220 0.85 -1.57 -14.08
C TRP A 220 0.08 -0.95 -12.92
N SER A 221 -0.01 -1.70 -11.80
CA SER A 221 -0.73 -1.22 -10.61
C SER A 221 -0.13 0.08 -10.08
N PHE A 222 1.19 0.19 -10.11
CA PHE A 222 1.87 1.43 -9.73
C PHE A 222 1.40 2.59 -10.59
N GLY A 223 1.17 2.36 -11.89
CA GLY A 223 0.65 3.43 -12.72
C GLY A 223 -0.74 3.88 -12.30
N ILE A 224 -1.59 2.91 -11.90
CA ILE A 224 -2.90 3.27 -11.32
C ILE A 224 -2.71 4.10 -10.05
N LEU A 225 -1.77 3.66 -9.19
CA LEU A 225 -1.48 4.38 -7.97
C LEU A 225 -1.00 5.80 -8.29
N LEU A 226 -0.17 5.97 -9.32
CA LEU A 226 0.27 7.32 -9.70
C LEU A 226 -0.94 8.19 -10.01
N TRP A 227 -1.88 7.65 -10.80
CA TRP A 227 -3.13 8.37 -11.10
C TRP A 227 -3.90 8.72 -9.81
N GLU A 228 -3.98 7.78 -8.87
CA GLU A 228 -4.59 8.10 -7.57
C GLU A 228 -3.89 9.27 -6.89
N ILE A 229 -2.53 9.28 -6.87
CA ILE A 229 -1.81 10.38 -6.22
C ILE A 229 -2.16 11.71 -6.87
N PHE A 230 -2.12 11.76 -8.20
CA PHE A 230 -2.28 13.04 -8.87
C PHE A 230 -3.73 13.47 -9.04
N THR A 231 -4.69 12.64 -8.63
CA THR A 231 -6.08 13.05 -8.44
C THR A 231 -6.38 13.26 -6.94
N LEU A 232 -5.35 13.22 -6.10
CA LEU A 232 -5.53 13.45 -4.65
C LEU A 232 -6.49 12.43 -4.08
N GLY A 233 -6.32 11.17 -4.50
CA GLY A 233 -7.13 10.10 -3.96
C GLY A 233 -8.40 9.80 -4.73
N GLY A 234 -8.43 10.09 -6.04
CA GLY A 234 -9.57 9.74 -6.86
C GLY A 234 -9.68 8.25 -7.11
N SER A 235 -10.88 7.80 -7.41
CA SER A 235 -11.11 6.40 -7.77
C SER A 235 -10.92 6.20 -9.26
N PRO A 236 -10.18 5.17 -9.67
CA PRO A 236 -9.84 5.02 -11.09
C PRO A 236 -11.03 4.62 -11.95
N TYR A 237 -10.85 4.81 -13.26
CA TYR A 237 -11.88 4.56 -14.26
C TYR A 237 -13.23 5.16 -13.83
N PRO A 238 -13.30 6.48 -13.69
CA PRO A 238 -14.49 7.12 -13.10
C PRO A 238 -15.77 6.76 -13.82
N GLY A 239 -16.72 6.28 -13.03
CA GLY A 239 -18.05 5.99 -13.52
C GLY A 239 -18.19 4.68 -14.25
N ILE A 240 -17.12 3.90 -14.38
CA ILE A 240 -17.11 2.73 -15.25
C ILE A 240 -17.36 1.49 -14.39
N PRO A 241 -18.47 0.79 -14.55
CA PRO A 241 -18.66 -0.46 -13.80
C PRO A 241 -17.82 -1.59 -14.40
N VAL A 242 -17.77 -2.69 -13.66
CA VAL A 242 -16.85 -3.79 -13.99
C VAL A 242 -17.14 -4.37 -15.37
N GLU A 243 -18.43 -4.56 -15.72
CA GLU A 243 -18.75 -5.15 -17.03
C GLU A 243 -18.19 -4.29 -18.14
N GLU A 244 -18.32 -2.97 -18.02
CA GLU A 244 -17.79 -2.05 -19.01
C GLU A 244 -16.27 -2.03 -18.98
N LEU A 245 -15.68 -2.11 -17.78
CA LEU A 245 -14.22 -2.18 -17.67
C LEU A 245 -13.65 -3.34 -18.48
N PHE A 246 -14.25 -4.53 -18.40
CA PHE A 246 -13.71 -5.66 -19.17
C PHE A 246 -13.67 -5.32 -20.65
N SER A 247 -14.75 -4.75 -21.17
CA SER A 247 -14.81 -4.51 -22.62
C SER A 247 -13.85 -3.40 -23.01
N LEU A 248 -13.73 -2.36 -22.17
CA LEU A 248 -12.82 -1.26 -22.47
C LEU A 248 -11.35 -1.73 -22.44
N LEU A 249 -10.99 -2.59 -21.51
CA LEU A 249 -9.62 -3.09 -21.48
C LEU A 249 -9.32 -3.94 -22.70
N ARG A 250 -10.30 -4.74 -23.14
CA ARG A 250 -10.09 -5.51 -24.37
C ARG A 250 -9.85 -4.60 -25.57
N GLU A 251 -10.42 -3.40 -25.56
CA GLU A 251 -10.23 -2.42 -26.63
C GLU A 251 -8.99 -1.55 -26.42
N GLY A 252 -8.26 -1.73 -25.31
CA GLY A 252 -7.09 -0.90 -25.09
C GLY A 252 -7.34 0.45 -24.45
N HIS A 253 -8.52 0.66 -23.87
CA HIS A 253 -8.83 1.91 -23.16
C HIS A 253 -7.82 2.20 -22.06
N ARG A 254 -7.49 3.48 -21.92
CA ARG A 254 -6.71 3.95 -20.80
C ARG A 254 -7.35 5.21 -20.21
N MET A 255 -7.10 5.47 -18.91
CA MET A 255 -7.59 6.70 -18.31
C MET A 255 -6.97 7.94 -18.95
N ASP A 256 -7.79 8.99 -19.00
CA ASP A 256 -7.37 10.32 -19.44
C ASP A 256 -6.36 10.92 -18.46
N ARG A 257 -5.62 11.90 -18.98
CA ARG A 257 -4.75 12.69 -18.15
C ARG A 257 -5.59 13.50 -17.17
N PRO A 258 -5.34 13.43 -15.87
CA PRO A 258 -6.20 14.15 -14.92
C PRO A 258 -5.85 15.62 -14.89
N PRO A 259 -6.76 16.47 -14.39
CA PRO A 259 -6.45 17.90 -14.27
C PRO A 259 -5.23 18.16 -13.40
N HIS A 260 -4.51 19.24 -13.72
CA HIS A 260 -3.39 19.67 -12.89
C HIS A 260 -2.38 18.55 -12.69
N CYS A 261 -2.07 17.84 -13.77
CA CYS A 261 -1.09 16.77 -13.75
C CYS A 261 -0.14 17.08 -14.90
N PRO A 262 1.15 17.24 -14.65
CA PRO A 262 2.07 17.58 -15.74
C PRO A 262 2.28 16.42 -16.68
N PRO A 263 2.67 16.70 -17.92
CA PRO A 263 2.81 15.62 -18.90
C PRO A 263 3.89 14.63 -18.54
N GLU A 264 4.90 15.02 -17.75
CA GLU A 264 5.90 14.07 -17.29
C GLU A 264 5.25 12.93 -16.53
N LEU A 265 4.27 13.25 -15.68
CA LEU A 265 3.69 12.23 -14.80
C LEU A 265 2.64 11.43 -15.55
N TYR A 266 1.84 12.07 -16.41
CA TYR A 266 0.93 11.29 -17.25
C TYR A 266 1.69 10.40 -18.22
N GLY A 267 2.83 10.89 -18.72
CA GLY A 267 3.70 10.05 -19.54
C GLY A 267 4.15 8.79 -18.80
N LEU A 268 4.54 8.92 -17.54
CA LEU A 268 4.94 7.75 -16.76
C LEU A 268 3.74 6.81 -16.54
N MET A 269 2.55 7.37 -16.28
CA MET A 269 1.38 6.50 -16.14
C MET A 269 1.15 5.67 -17.40
N ARG A 270 1.21 6.33 -18.56
CA ARG A 270 0.95 5.61 -19.79
C ARG A 270 2.04 4.57 -20.09
N GLU A 271 3.30 4.83 -19.74
CA GLU A 271 4.31 3.79 -19.89
C GLU A 271 4.02 2.59 -19.00
N CYS A 272 3.55 2.83 -17.77
CA CYS A 272 3.20 1.73 -16.88
C CYS A 272 2.03 0.94 -17.39
N TRP A 273 1.19 1.53 -18.27
CA TRP A 273 0.05 0.80 -18.82
C TRP A 273 0.29 0.31 -20.24
N HIS A 274 1.54 0.18 -20.67
CA HIS A 274 1.74 -0.39 -21.99
C HIS A 274 1.24 -1.82 -21.98
N ALA A 275 0.64 -2.25 -23.11
CA ALA A 275 0.04 -3.58 -23.16
C ALA A 275 1.06 -4.68 -22.86
N ALA A 276 2.24 -4.58 -23.47
CA ALA A 276 3.26 -5.61 -23.28
C ALA A 276 4.02 -5.38 -21.98
N PRO A 277 4.07 -6.36 -21.07
CA PRO A 277 4.74 -6.12 -19.79
C PRO A 277 6.20 -5.70 -19.94
N SER A 278 6.91 -6.20 -20.97
CA SER A 278 8.30 -5.79 -21.18
C SER A 278 8.45 -4.35 -21.66
N GLN A 279 7.37 -3.70 -22.11
CA GLN A 279 7.42 -2.32 -22.57
C GLN A 279 7.09 -1.33 -21.47
N ARG A 280 6.78 -1.82 -20.29
CA ARG A 280 6.60 -0.99 -19.11
C ARG A 280 7.96 -0.77 -18.45
N PRO A 281 8.15 0.37 -17.80
CA PRO A 281 9.40 0.57 -17.03
C PRO A 281 9.53 -0.48 -15.96
N THR A 282 10.77 -0.71 -15.50
CA THR A 282 10.97 -1.44 -14.25
C THR A 282 10.87 -0.49 -13.07
N PHE A 283 10.76 -1.07 -11.88
CA PHE A 283 10.78 -0.24 -10.68
C PHE A 283 12.07 0.55 -10.57
N LYS A 284 13.21 -0.06 -10.93
CA LYS A 284 14.46 0.70 -10.92
C LYS A 284 14.38 1.93 -11.83
N GLN A 285 13.80 1.76 -13.03
CA GLN A 285 13.62 2.89 -13.95
C GLN A 285 12.62 3.92 -13.42
N LEU A 286 11.58 3.48 -12.70
CA LEU A 286 10.63 4.45 -12.16
C LEU A 286 11.26 5.26 -11.03
N VAL A 287 12.08 4.60 -10.21
CA VAL A 287 12.80 5.31 -9.13
C VAL A 287 13.66 6.40 -9.73
N GLU A 288 14.41 6.08 -10.79
CA GLU A 288 15.29 7.06 -11.41
C GLU A 288 14.50 8.19 -12.06
N ALA A 289 13.43 7.86 -12.80
CA ALA A 289 12.64 8.90 -13.45
C ALA A 289 11.99 9.83 -12.44
N LEU A 290 11.42 9.27 -11.37
CA LEU A 290 10.79 10.11 -10.36
C LEU A 290 11.83 10.90 -9.58
N ASP A 291 13.02 10.34 -9.35
CA ASP A 291 14.05 11.12 -8.66
C ASP A 291 14.46 12.33 -9.49
N LYS A 292 14.56 12.20 -10.81
CA LYS A 292 14.89 13.36 -11.62
C LYS A 292 13.86 14.47 -11.48
N VAL A 293 12.58 14.13 -11.48
CA VAL A 293 11.56 15.16 -11.31
C VAL A 293 11.67 15.76 -9.90
N LEU A 294 11.82 14.89 -8.89
CA LEU A 294 11.83 15.35 -7.51
C LEU A 294 12.99 16.30 -7.29
N LEU A 295 14.17 15.94 -7.80
CA LEU A 295 15.33 16.82 -7.63
C LEU A 295 15.14 18.15 -8.34
N ALA A 296 14.59 18.12 -9.56
CA ALA A 296 14.37 19.35 -10.30
C ALA A 296 13.44 20.30 -9.56
N VAL A 297 12.41 19.76 -8.90
CA VAL A 297 11.40 20.62 -8.28
C VAL A 297 11.70 20.92 -6.83
N SER A 298 12.75 20.33 -6.28
CA SER A 298 13.17 20.57 -4.91
C SER A 298 14.36 21.52 -4.80
N GLU A 299 14.77 22.11 -5.92
CA GLU A 299 15.90 23.04 -5.93
C GLU A 299 15.47 24.41 -5.40
C1 EDO B . -8.79 7.15 16.55
O1 EDO B . -9.43 6.35 15.56
C2 EDO B . -7.34 7.39 16.12
O2 EDO B . -6.82 8.62 16.60
S SO4 C . -11.16 -0.60 1.22
O1 SO4 C . -10.94 -2.05 1.04
O2 SO4 C . -12.06 0.00 0.25
O3 SO4 C . -11.73 -0.40 2.56
O4 SO4 C . -9.89 0.12 1.14
C1 VVW D . -7.01 7.23 12.50
O1 VVW D . -5.01 5.90 12.72
O2 VVW D . -7.01 9.61 9.22
C10 VVW D . -8.11 8.47 11.07
C11 VVW D . -7.98 9.74 10.23
C12 VVW D . -5.83 9.00 9.68
C13 VVW D . -6.13 7.79 10.59
C14 VVW D . -1.73 1.01 10.47
C15 VVW D . -2.66 0.05 9.77
C16 VVW D . -0.71 -1.34 9.47
C17 VVW D . 0.12 -0.44 10.13
C18 VVW D . -2.18 -1.06 9.28
C19 VVW D . -3.39 2.91 10.60
C2 VVW D . -5.62 7.09 13.24
C20 VVW D . -4.48 -0.98 5.86
C21 VVW D . -4.90 -0.16 4.88
C22 VVW D . -6.43 0.96 6.37
C23 VVW D . -5.96 0.02 7.44
C24 VVW D . -5.02 -0.90 7.25
C25 VVW D . -4.54 -1.80 8.40
C26 VVW D . -3.29 6.85 17.80
C27 VVW D . -3.96 8.12 18.37
C28 VVW D . -2.40 9.37 17.34
C29 VVW D . -1.66 8.20 16.65
C3 VVW D . -0.16 3.54 14.76
C30 VVW D . -3.44 10.07 19.04
C31 VVW D . -5.28 -3.12 8.27
C32 VVW D . 0.00 -2.60 8.94
C4 VVW D . -3.19 4.43 12.60
C5 VVW D . -3.85 5.41 13.33
C6 VVW D . -3.32 5.87 14.64
C7 VVW D . -2.19 5.32 15.10
C8 VVW D . -1.49 4.22 14.29
C9 VVW D . -1.58 5.74 16.45
N1 VVW D . -6.93 8.14 11.55
N2 VVW D . -2.00 3.82 13.13
N3 VVW D . -0.46 0.75 10.64
N4 VVW D . -3.80 4.03 11.37
N5 VVW D . -2.24 2.19 11.05
N6 VVW D . -5.91 0.85 5.14
N7 VVW D . -2.19 6.96 16.98
N8 VVW D . -2.97 9.04 18.49
N9 VVW D . 0.58 -3.50 8.56
O3 VVW D . -3.07 -2.00 8.58
O4 VVW D . -4.02 2.63 9.57
O5 VVW D . -3.73 5.76 18.08
O6 VVW D . 0.88 4.30 14.19
CL1 VVW D . -6.71 0.23 8.99
CL2 VVW D . -3.28 -2.16 5.42
#